data_2XMS
#
_entry.id   2XMS
#
_cell.length_a   93.098
_cell.length_b   93.098
_cell.length_c   90.205
_cell.angle_alpha   90.00
_cell.angle_beta   90.00
_cell.angle_gamma   120.00
#
_symmetry.space_group_name_H-M   'P 31 2 1'
#
loop_
_entity.id
_entity.type
_entity.pdbx_description
1 polymer 'PROTEIN NDRG2'
2 non-polymer 'CHLORIDE ION'
3 non-polymer IMIDAZOLE
4 water water
#
_entity_poly.entity_id   1
_entity_poly.type   'polypeptide(L)'
_entity_poly.pdbx_seq_one_letter_code
;AKTHSVETPYGSVTFTVYGTPYPYRPAILTYHDVGLNYKSCFQPLFQFEDMQEIIQNFVRVHVDAPGMEEGAPVFPLGYQ
YPSLDQLADMIPCVLQYLNFSTIIGVGVGAGAYILARYALNHPDTVEGLVLINIDPNAKGWMDWAAHKLTGLTSSIPEMI
LGHLFSQEELSGNSELIQKYRNIITHAPNLDNIELYWNSYNNRRDLNFERGGDITLRCPVMLVVGDQAPHEDAVVECNSK
LDPTQTSFLKMADSGGQPQLTQPGKLTEAFKYFLQGMGYMA
;
_entity_poly.pdbx_strand_id   A
#
loop_
_chem_comp.id
_chem_comp.type
_chem_comp.name
_chem_comp.formula
CL non-polymer 'CHLORIDE ION' 'Cl -1'
IMD non-polymer IMIDAZOLE 'C3 H5 N2 1'
#
# COMPACT_ATOMS: atom_id res chain seq x y z
N ALA A 1 -20.35 -5.69 4.23
CA ALA A 1 -19.30 -4.63 4.33
C ALA A 1 -19.91 -3.32 4.79
N LYS A 2 -19.24 -2.64 5.71
CA LYS A 2 -19.75 -1.38 6.24
C LYS A 2 -18.70 -0.28 6.06
N THR A 3 -19.11 0.80 5.38
CA THR A 3 -18.24 1.91 5.11
C THR A 3 -18.37 2.92 6.25
N HIS A 4 -17.24 3.44 6.75
CA HIS A 4 -17.26 4.43 7.82
C HIS A 4 -16.35 5.61 7.45
N SER A 5 -16.54 6.74 8.11
CA SER A 5 -15.57 7.83 8.03
C SER A 5 -15.26 8.28 9.43
N VAL A 6 -14.04 8.77 9.66
CA VAL A 6 -13.70 9.38 10.94
C VAL A 6 -13.01 10.70 10.71
N GLU A 7 -13.24 11.64 11.60
CA GLU A 7 -12.56 12.92 11.53
C GLU A 7 -11.16 12.79 12.11
N THR A 8 -10.19 13.47 11.51
CA THR A 8 -8.84 13.49 12.05
C THR A 8 -8.30 14.93 12.04
N PRO A 9 -7.13 15.17 12.67
CA PRO A 9 -6.44 16.46 12.55
C PRO A 9 -6.21 16.95 11.10
N TYR A 10 -6.22 16.04 10.12
CA TYR A 10 -5.87 16.36 8.73
C TYR A 10 -7.03 16.13 7.76
N GLY A 11 -8.24 16.03 8.31
CA GLY A 11 -9.44 15.82 7.50
C GLY A 11 -10.06 14.45 7.69
N SER A 12 -11.10 14.17 6.91
CA SER A 12 -11.83 12.91 7.00
C SER A 12 -11.19 11.76 6.22
N VAL A 13 -11.20 10.57 6.80
CA VAL A 13 -10.79 9.37 6.06
C VAL A 13 -11.91 8.32 6.07
N THR A 14 -12.07 7.63 4.93
CA THR A 14 -13.09 6.61 4.76
C THR A 14 -12.44 5.23 4.76
N PHE A 15 -13.15 4.22 5.25
CA PHE A 15 -12.65 2.84 5.30
C PHE A 15 -13.84 1.86 5.32
N THR A 16 -13.65 0.68 4.75
CA THR A 16 -14.71 -0.31 4.68
C THR A 16 -14.28 -1.56 5.43
N VAL A 17 -15.16 -1.99 6.32
CA VAL A 17 -14.91 -3.14 7.18
C VAL A 17 -15.65 -4.35 6.63
N TYR A 18 -14.93 -5.47 6.54
CA TYR A 18 -15.47 -6.74 6.09
C TYR A 18 -15.23 -7.78 7.16
N GLY A 19 -16.15 -8.74 7.25
CA GLY A 19 -16.00 -9.90 8.09
C GLY A 19 -16.34 -9.61 9.52
N THR A 20 -15.99 -10.56 10.38
CA THR A 20 -16.33 -10.45 11.79
C THR A 20 -15.06 -10.62 12.64
N PRO A 21 -14.91 -9.78 13.69
CA PRO A 21 -13.71 -9.82 14.54
C PRO A 21 -13.48 -11.22 15.14
N TYR A 22 -12.25 -11.71 15.05
CA TYR A 22 -11.89 -13.01 15.56
C TYR A 22 -11.22 -12.69 16.89
N PRO A 23 -11.68 -13.33 17.98
CA PRO A 23 -11.14 -13.09 19.32
C PRO A 23 -9.61 -13.16 19.38
N TYR A 24 -8.99 -12.07 19.85
CA TYR A 24 -7.54 -12.00 20.10
C TYR A 24 -6.68 -12.20 18.85
N ARG A 25 -7.17 -11.71 17.72
CA ARG A 25 -6.36 -11.68 16.50
C ARG A 25 -6.28 -10.23 16.03
N PRO A 26 -5.24 -9.88 15.28
CA PRO A 26 -5.19 -8.54 14.71
C PRO A 26 -6.25 -8.41 13.61
N ALA A 27 -6.75 -7.20 13.37
CA ALA A 27 -7.48 -6.90 12.14
C ALA A 27 -6.51 -6.87 10.96
N ILE A 28 -6.95 -7.25 9.77
CA ILE A 28 -6.13 -6.99 8.58
C ILE A 28 -6.51 -5.60 8.05
N LEU A 29 -5.53 -4.71 7.97
CA LEU A 29 -5.80 -3.35 7.49
C LEU A 29 -4.94 -3.09 6.25
N THR A 30 -5.60 -2.62 5.19
CA THR A 30 -4.94 -2.35 3.92
C THR A 30 -4.86 -0.87 3.60
N TYR A 31 -3.83 -0.50 2.85
CA TYR A 31 -3.70 0.86 2.32
C TYR A 31 -3.22 0.77 0.85
N HIS A 32 -3.98 1.38 -0.07
CA HIS A 32 -3.79 1.12 -1.49
C HIS A 32 -2.75 2.06 -2.03
N ASP A 33 -2.33 1.83 -3.29
CA ASP A 33 -1.34 2.69 -3.99
C ASP A 33 -1.94 3.96 -4.66
N VAL A 34 -1.07 4.89 -5.08
CA VAL A 34 -1.44 6.09 -5.82
C VAL A 34 -2.14 5.74 -7.13
N GLY A 35 -3.29 6.38 -7.38
CA GLY A 35 -4.03 6.14 -8.63
C GLY A 35 -5.18 5.14 -8.45
N LEU A 36 -5.18 4.42 -7.32
CA LEU A 36 -6.12 3.33 -7.09
C LEU A 36 -7.07 3.64 -5.92
N ASN A 37 -7.94 2.69 -5.61
CA ASN A 37 -8.67 2.71 -4.34
C ASN A 37 -8.60 1.30 -3.77
N TYR A 38 -9.24 1.05 -2.61
CA TYR A 38 -9.05 -0.26 -1.99
C TYR A 38 -9.53 -1.38 -2.92
N LYS A 39 -10.51 -1.05 -3.75
CA LYS A 39 -11.12 -2.02 -4.66
C LYS A 39 -10.25 -2.33 -5.88
N SER A 40 -9.81 -1.28 -6.57
CA SER A 40 -8.96 -1.47 -7.75
C SER A 40 -7.57 -2.00 -7.32
N CYS A 41 -7.18 -1.76 -6.06
CA CYS A 41 -5.90 -2.24 -5.57
C CYS A 41 -5.96 -3.67 -4.98
N PHE A 42 -7.01 -3.97 -4.21
CA PHE A 42 -7.09 -5.20 -3.40
C PHE A 42 -8.19 -6.23 -3.70
N GLN A 43 -9.10 -5.93 -4.61
CA GLN A 43 -10.20 -6.88 -4.86
C GLN A 43 -9.74 -8.23 -5.43
N PRO A 44 -8.87 -8.22 -6.46
CA PRO A 44 -8.43 -9.54 -6.96
C PRO A 44 -7.77 -10.41 -5.89
N LEU A 45 -7.06 -9.80 -4.95
CA LEU A 45 -6.40 -10.56 -3.90
C LEU A 45 -7.42 -11.01 -2.84
N PHE A 46 -8.18 -10.07 -2.29
CA PHE A 46 -9.08 -10.40 -1.18
C PHE A 46 -10.28 -11.24 -1.60
N GLN A 47 -10.60 -11.25 -2.91
CA GLN A 47 -11.69 -12.10 -3.44
C GLN A 47 -11.17 -13.38 -4.07
N PHE A 48 -9.85 -13.56 -4.12
CA PHE A 48 -9.29 -14.83 -4.57
C PHE A 48 -9.81 -15.96 -3.66
N GLU A 49 -10.18 -17.10 -4.25
CA GLU A 49 -10.85 -18.19 -3.50
C GLU A 49 -10.07 -18.67 -2.27
N ASP A 50 -8.78 -18.96 -2.46
CA ASP A 50 -7.86 -19.32 -1.35
C ASP A 50 -7.73 -18.25 -0.28
N MET A 51 -7.77 -16.98 -0.69
CA MET A 51 -7.71 -15.89 0.28
C MET A 51 -8.96 -15.85 1.17
N GLN A 52 -10.14 -16.01 0.56
CA GLN A 52 -11.41 -16.06 1.30
C GLN A 52 -11.41 -17.05 2.44
N GLU A 53 -10.79 -18.21 2.22
CA GLU A 53 -10.67 -19.20 3.26
C GLU A 53 -9.72 -18.81 4.43
N ILE A 54 -8.76 -17.94 4.16
CA ILE A 54 -7.91 -17.45 5.23
C ILE A 54 -8.64 -16.34 5.96
N ILE A 55 -9.13 -15.34 5.21
CA ILE A 55 -9.70 -14.13 5.81
C ILE A 55 -11.05 -14.31 6.51
N GLN A 56 -11.73 -15.45 6.33
CA GLN A 56 -12.89 -15.81 7.18
C GLN A 56 -12.55 -15.66 8.66
N ASN A 57 -11.25 -15.80 8.99
CA ASN A 57 -10.83 -15.81 10.38
C ASN A 57 -10.18 -14.50 10.81
N PHE A 58 -10.52 -13.43 10.09
CA PHE A 58 -10.05 -12.09 10.41
C PHE A 58 -11.15 -11.10 10.11
N VAL A 59 -11.18 -9.98 10.84
CA VAL A 59 -11.90 -8.81 10.39
C VAL A 59 -10.93 -8.00 9.52
N ARG A 60 -11.46 -7.32 8.50
CA ARG A 60 -10.63 -6.58 7.53
C ARG A 60 -11.12 -5.14 7.40
N VAL A 61 -10.18 -4.18 7.39
CA VAL A 61 -10.47 -2.77 7.32
C VAL A 61 -9.72 -2.24 6.10
N HIS A 62 -10.46 -1.86 5.05
CA HIS A 62 -9.81 -1.39 3.82
C HIS A 62 -9.89 0.11 3.75
N VAL A 63 -8.74 0.76 3.92
CA VAL A 63 -8.71 2.23 3.93
C VAL A 63 -8.61 2.80 2.50
N ASP A 64 -9.43 3.83 2.22
CA ASP A 64 -9.32 4.67 1.02
C ASP A 64 -8.64 5.98 1.41
N ALA A 65 -7.51 6.30 0.77
CA ALA A 65 -6.83 7.58 1.02
C ALA A 65 -7.87 8.71 0.87
N PRO A 66 -7.71 9.83 1.62
CA PRO A 66 -8.64 10.96 1.46
C PRO A 66 -8.79 11.39 -0.01
N GLY A 67 -10.02 11.63 -0.44
CA GLY A 67 -10.35 11.92 -1.83
C GLY A 67 -10.57 10.70 -2.72
N MET A 68 -10.28 9.49 -2.24
CA MET A 68 -10.39 8.26 -3.08
C MET A 68 -11.63 7.43 -2.81
N GLU A 69 -12.30 7.76 -1.71
CA GLU A 69 -13.51 7.08 -1.30
C GLU A 69 -14.63 7.24 -2.35
N GLU A 70 -15.59 6.31 -2.34
CA GLU A 70 -16.67 6.36 -3.29
C GLU A 70 -17.41 7.68 -3.10
N GLY A 71 -17.56 8.43 -4.19
CA GLY A 71 -18.29 9.68 -4.17
C GLY A 71 -17.55 10.84 -3.53
N ALA A 72 -16.24 10.73 -3.41
CA ALA A 72 -15.43 11.84 -2.90
C ALA A 72 -15.62 13.11 -3.73
N PRO A 73 -15.78 14.28 -3.06
CA PRO A 73 -15.72 15.56 -3.77
C PRO A 73 -14.29 15.84 -4.26
N VAL A 74 -14.17 16.66 -5.29
CA VAL A 74 -12.86 17.12 -5.75
C VAL A 74 -12.42 18.21 -4.77
N PHE A 75 -11.31 17.99 -4.07
CA PHE A 75 -10.77 18.98 -3.13
C PHE A 75 -10.56 20.35 -3.83
N PRO A 76 -10.76 21.46 -3.09
CA PRO A 76 -10.62 22.79 -3.71
C PRO A 76 -9.21 23.03 -4.24
N LEU A 77 -9.11 23.77 -5.33
CA LEU A 77 -7.81 24.21 -5.86
C LEU A 77 -6.99 24.83 -4.71
N GLY A 78 -5.73 24.43 -4.60
CA GLY A 78 -4.85 24.91 -3.53
C GLY A 78 -5.02 24.20 -2.18
N TYR A 79 -5.83 23.15 -2.15
CA TYR A 79 -5.97 22.33 -0.94
C TYR A 79 -4.63 21.79 -0.46
N GLN A 80 -4.42 21.79 0.86
CA GLN A 80 -3.21 21.22 1.45
C GLN A 80 -3.45 19.75 1.82
N TYR A 81 -3.18 18.87 0.86
CA TYR A 81 -3.37 17.43 1.05
C TYR A 81 -2.41 16.86 2.12
N PRO A 82 -2.86 15.88 2.94
CA PRO A 82 -1.91 15.30 3.93
C PRO A 82 -0.61 14.76 3.32
N SER A 83 0.53 14.96 4.00
CA SER A 83 1.76 14.27 3.61
C SER A 83 1.55 12.78 3.93
N LEU A 84 2.45 11.90 3.49
CA LEU A 84 2.31 10.47 3.80
C LEU A 84 2.38 10.23 5.31
N ASP A 85 3.16 11.06 5.99
CA ASP A 85 3.28 10.97 7.44
C ASP A 85 1.96 11.35 8.11
N GLN A 86 1.28 12.34 7.57
CA GLN A 86 -0.01 12.74 8.10
C GLN A 86 -1.07 11.66 7.81
N LEU A 87 -1.01 11.07 6.62
CA LEU A 87 -1.85 9.92 6.28
C LEU A 87 -1.66 8.75 7.25
N ALA A 88 -0.41 8.45 7.60
CA ALA A 88 -0.08 7.43 8.59
C ALA A 88 -0.70 7.76 9.94
N ASP A 89 -0.73 9.05 10.25
CA ASP A 89 -1.31 9.58 11.49
C ASP A 89 -2.83 9.59 11.56
N MET A 90 -3.50 9.25 10.46
CA MET A 90 -4.96 9.10 10.49
C MET A 90 -5.38 7.73 11.00
N ILE A 91 -4.44 6.78 11.04
CA ILE A 91 -4.77 5.38 11.33
C ILE A 91 -5.13 5.16 12.82
N PRO A 92 -4.43 5.84 13.76
CA PRO A 92 -4.85 5.74 15.16
C PRO A 92 -6.33 6.11 15.34
N CYS A 93 -6.79 7.17 14.65
CA CYS A 93 -8.21 7.55 14.68
C CYS A 93 -9.13 6.45 14.16
N VAL A 94 -8.72 5.75 13.09
CA VAL A 94 -9.50 4.66 12.50
C VAL A 94 -9.67 3.51 13.50
N LEU A 95 -8.56 3.10 14.11
CA LEU A 95 -8.54 1.97 15.02
C LEU A 95 -9.31 2.28 16.30
N GLN A 96 -9.14 3.48 16.83
CA GLN A 96 -9.87 3.94 18.03
C GLN A 96 -11.38 3.93 17.83
N TYR A 97 -11.82 4.45 16.69
CA TYR A 97 -13.20 4.38 16.24
C TYR A 97 -13.75 2.96 16.16
N LEU A 98 -12.95 2.02 15.66
CA LEU A 98 -13.42 0.64 15.56
C LEU A 98 -13.21 -0.15 16.86
N ASN A 99 -12.45 0.41 17.80
CA ASN A 99 -11.98 -0.28 19.02
C ASN A 99 -11.16 -1.55 18.70
N PHE A 100 -10.32 -1.47 17.67
CA PHE A 100 -9.40 -2.57 17.33
C PHE A 100 -8.04 -2.20 17.89
N SER A 101 -7.39 -3.12 18.58
CA SER A 101 -6.13 -2.75 19.22
C SER A 101 -4.84 -3.11 18.43
N THR A 102 -4.91 -4.12 17.54
CA THR A 102 -3.76 -4.51 16.73
C THR A 102 -4.14 -4.85 15.27
N ILE A 103 -3.16 -4.73 14.37
CA ILE A 103 -3.37 -4.99 12.95
C ILE A 103 -2.22 -5.81 12.34
N ILE A 104 -2.50 -6.42 11.19
CA ILE A 104 -1.49 -6.81 10.23
C ILE A 104 -1.74 -5.86 9.05
N GLY A 105 -0.75 -5.05 8.72
CA GLY A 105 -0.94 -4.06 7.63
C GLY A 105 -0.52 -4.68 6.31
N VAL A 106 -1.32 -4.44 5.26
CA VAL A 106 -0.95 -4.85 3.91
C VAL A 106 -0.97 -3.58 3.06
N GLY A 107 0.16 -3.15 2.52
CA GLY A 107 0.16 -1.92 1.70
C GLY A 107 0.83 -2.13 0.36
N VAL A 108 0.41 -1.36 -0.65
CA VAL A 108 1.08 -1.30 -1.95
C VAL A 108 1.62 0.11 -2.24
N GLY A 109 2.92 0.21 -2.50
CA GLY A 109 3.51 1.46 -3.01
C GLY A 109 3.41 2.52 -1.94
N ALA A 110 2.75 3.64 -2.21
CA ALA A 110 2.58 4.66 -1.16
C ALA A 110 1.90 4.09 0.08
N GLY A 111 0.96 3.17 -0.09
CA GLY A 111 0.27 2.55 1.05
C GLY A 111 1.18 1.72 1.92
N ALA A 112 2.19 1.09 1.30
CA ALA A 112 3.22 0.37 2.05
C ALA A 112 4.11 1.33 2.86
N TYR A 113 4.45 2.47 2.28
CA TYR A 113 5.22 3.47 2.99
C TYR A 113 4.44 3.92 4.22
N ILE A 114 3.20 4.30 4.01
CA ILE A 114 2.31 4.74 5.08
C ILE A 114 2.20 3.74 6.23
N LEU A 115 2.00 2.48 5.90
CA LEU A 115 1.87 1.44 6.93
C LEU A 115 3.18 1.18 7.69
N ALA A 116 4.30 1.26 6.99
CA ALA A 116 5.63 1.22 7.60
C ALA A 116 5.86 2.40 8.56
N ARG A 117 5.49 3.61 8.12
CA ARG A 117 5.60 4.80 8.97
C ARG A 117 4.72 4.60 10.19
N TYR A 118 3.46 4.24 9.95
CA TYR A 118 2.55 3.95 11.06
C TYR A 118 3.18 3.00 12.09
N ALA A 119 3.73 1.89 11.58
CA ALA A 119 4.35 0.86 12.43
C ALA A 119 5.54 1.41 13.23
N LEU A 120 6.30 2.33 12.65
CA LEU A 120 7.40 2.94 13.42
C LEU A 120 6.86 3.77 14.58
N ASN A 121 5.76 4.46 14.34
CA ASN A 121 5.19 5.36 15.33
C ASN A 121 4.35 4.61 16.38
N HIS A 122 3.78 3.46 16.01
CA HIS A 122 2.92 2.73 16.93
C HIS A 122 3.23 1.24 16.90
N PRO A 123 4.48 0.88 17.29
CA PRO A 123 4.96 -0.51 17.07
C PRO A 123 4.17 -1.58 17.83
N ASP A 124 3.62 -1.24 18.99
CA ASP A 124 2.84 -2.21 19.81
C ASP A 124 1.45 -2.46 19.27
N THR A 125 1.06 -1.76 18.21
CA THR A 125 -0.24 -2.01 17.57
C THR A 125 -0.07 -2.83 16.29
N VAL A 126 1.17 -3.16 15.91
CA VAL A 126 1.41 -3.85 14.64
C VAL A 126 1.97 -5.27 14.79
N GLU A 127 1.18 -6.26 14.41
CA GLU A 127 1.65 -7.66 14.55
C GLU A 127 2.50 -8.13 13.39
N GLY A 128 2.29 -7.53 12.21
CA GLY A 128 3.06 -7.89 11.01
C GLY A 128 2.70 -6.93 9.90
N LEU A 129 3.54 -6.90 8.87
CA LEU A 129 3.33 -6.04 7.71
C LEU A 129 3.62 -6.79 6.43
N VAL A 130 2.73 -6.65 5.47
CA VAL A 130 3.05 -7.09 4.11
C VAL A 130 3.24 -5.80 3.30
N LEU A 131 4.45 -5.60 2.79
CA LEU A 131 4.84 -4.34 2.19
C LEU A 131 5.20 -4.62 0.73
N ILE A 132 4.32 -4.19 -0.16
CA ILE A 132 4.45 -4.49 -1.58
C ILE A 132 4.97 -3.22 -2.25
N ASN A 133 6.08 -3.34 -2.97
CA ASN A 133 6.65 -2.20 -3.75
C ASN A 133 7.11 -1.05 -2.89
N ILE A 134 7.53 -1.32 -1.66
CA ILE A 134 7.86 -0.22 -0.76
C ILE A 134 9.16 0.46 -1.19
N ASP A 135 9.13 1.79 -1.23
CA ASP A 135 10.34 2.57 -1.51
C ASP A 135 10.55 3.59 -0.37
N PRO A 136 11.41 3.27 0.60
CA PRO A 136 11.50 4.07 1.79
C PRO A 136 12.42 5.33 1.63
N ASN A 137 12.94 5.59 0.43
CA ASN A 137 13.88 6.69 0.20
C ASN A 137 13.21 7.93 -0.37
N ALA A 138 13.47 9.10 0.21
CA ALA A 138 13.09 10.38 -0.43
C ALA A 138 13.78 10.45 -1.80
N LYS A 139 13.22 11.18 -2.77
CA LYS A 139 13.95 11.44 -3.99
C LYS A 139 15.14 12.36 -3.67
N GLY A 140 16.30 12.06 -4.24
CA GLY A 140 17.46 12.92 -4.13
C GLY A 140 17.45 13.85 -5.32
N TRP A 141 18.43 14.75 -5.43
CA TRP A 141 18.38 15.69 -6.56
C TRP A 141 18.38 15.04 -7.97
N MET A 142 19.03 13.88 -8.08
CA MET A 142 19.16 13.23 -9.39
C MET A 142 17.81 12.65 -9.76
N ASP A 143 17.11 12.15 -8.76
CA ASP A 143 15.76 11.65 -8.93
C ASP A 143 14.79 12.76 -9.34
N TRP A 144 14.80 13.88 -8.61
CA TRP A 144 13.96 15.03 -8.94
C TRP A 144 14.19 15.53 -10.37
N ALA A 145 15.46 15.69 -10.78
CA ALA A 145 15.81 16.14 -12.13
C ALA A 145 15.19 15.19 -13.19
N ALA A 146 15.33 13.87 -12.99
CA ALA A 146 14.81 12.87 -13.96
C ALA A 146 13.29 12.90 -14.03
N HIS A 147 12.65 12.96 -12.86
CA HIS A 147 11.20 13.02 -12.70
C HIS A 147 10.61 14.24 -13.42
N LYS A 148 11.20 15.40 -13.17
CA LYS A 148 10.72 16.62 -13.77
C LYS A 148 10.96 16.60 -15.30
N LEU A 149 12.08 16.02 -15.76
CA LEU A 149 12.34 15.94 -17.22
C LEU A 149 11.27 15.04 -17.86
N THR A 150 11.04 13.88 -17.26
CA THR A 150 9.98 12.96 -17.70
C THR A 150 8.62 13.68 -17.77
N GLY A 151 8.34 14.49 -16.75
CA GLY A 151 7.07 15.19 -16.61
C GLY A 151 6.75 16.17 -17.73
N LEU A 152 7.77 16.62 -18.46
CA LEU A 152 7.57 17.59 -19.52
C LEU A 152 6.82 17.00 -20.71
N THR A 153 6.89 15.68 -20.88
CA THR A 153 6.24 15.06 -22.06
C THR A 153 5.34 13.89 -21.68
N SER A 154 5.12 13.69 -20.38
CA SER A 154 4.18 12.72 -19.87
C SER A 154 3.09 13.40 -19.10
N SER A 155 1.86 12.92 -19.29
CA SER A 155 0.73 13.39 -18.52
C SER A 155 0.80 12.86 -17.10
N ILE A 156 -0.03 13.42 -16.23
CA ILE A 156 -0.09 12.90 -14.88
C ILE A 156 -0.50 11.40 -14.84
N PRO A 157 -1.57 11.02 -15.55
CA PRO A 157 -1.89 9.58 -15.59
C PRO A 157 -0.78 8.67 -16.11
N GLU A 158 -0.04 9.10 -17.13
CA GLU A 158 1.05 8.28 -17.67
C GLU A 158 2.17 8.07 -16.64
N MET A 159 2.44 9.08 -15.85
CA MET A 159 3.40 8.97 -14.79
C MET A 159 2.98 8.12 -13.61
N ILE A 160 1.71 8.23 -13.21
CA ILE A 160 1.17 7.35 -12.21
C ILE A 160 1.20 5.89 -12.71
N LEU A 161 0.79 5.67 -13.95
CA LEU A 161 0.89 4.33 -14.57
C LEU A 161 2.29 3.73 -14.57
N GLY A 162 3.29 4.59 -14.79
CA GLY A 162 4.71 4.19 -14.75
C GLY A 162 5.24 3.89 -13.33
N HIS A 163 4.57 4.44 -12.31
CA HIS A 163 4.79 4.09 -10.92
C HIS A 163 4.18 2.71 -10.57
N LEU A 164 3.04 2.40 -11.16
CA LEU A 164 2.32 1.14 -10.88
C LEU A 164 2.81 -0.06 -11.68
N PHE A 165 3.17 0.16 -12.96
CA PHE A 165 3.47 -0.93 -13.89
C PHE A 165 4.82 -0.75 -14.53
N SER A 166 5.44 -1.84 -14.94
CA SER A 166 6.72 -1.69 -15.69
C SER A 166 6.47 -1.14 -17.07
N GLN A 167 7.51 -0.51 -17.64
CA GLN A 167 7.46 -0.01 -19.02
C GLN A 167 7.07 -1.12 -19.98
N GLU A 168 7.62 -2.32 -19.76
CA GLU A 168 7.32 -3.48 -20.60
C GLU A 168 5.84 -3.92 -20.53
N GLU A 169 5.23 -3.86 -19.34
CA GLU A 169 3.78 -4.09 -19.19
C GLU A 169 2.98 -3.01 -19.91
N LEU A 170 3.45 -1.77 -19.79
CA LEU A 170 2.76 -0.65 -20.41
C LEU A 170 2.86 -0.70 -21.95
N SER A 171 4.00 -1.16 -22.48
CA SER A 171 4.18 -1.38 -23.93
C SER A 171 3.42 -2.58 -24.47
N GLY A 172 3.44 -3.67 -23.72
CA GLY A 172 2.77 -4.89 -24.12
C GLY A 172 1.26 -4.73 -24.15
N ASN A 173 0.75 -3.79 -23.34
CA ASN A 173 -0.67 -3.41 -23.37
C ASN A 173 -1.68 -4.56 -23.23
N SER A 174 -1.51 -5.38 -22.19
CA SER A 174 -2.44 -6.49 -21.89
C SER A 174 -3.81 -5.94 -21.54
N GLU A 175 -4.79 -6.83 -21.47
CA GLU A 175 -6.12 -6.47 -21.01
C GLU A 175 -6.13 -5.79 -19.61
N LEU A 176 -5.33 -6.28 -18.66
CA LEU A 176 -5.24 -5.63 -17.35
C LEU A 176 -4.74 -4.19 -17.46
N ILE A 177 -3.66 -3.99 -18.21
CA ILE A 177 -3.10 -2.66 -18.48
C ILE A 177 -4.09 -1.68 -19.15
N GLN A 178 -4.82 -2.17 -20.15
CA GLN A 178 -5.86 -1.36 -20.81
C GLN A 178 -6.91 -0.88 -19.79
N LYS A 179 -7.38 -1.80 -18.94
CA LYS A 179 -8.38 -1.50 -17.91
C LYS A 179 -7.87 -0.46 -16.92
N TYR A 180 -6.65 -0.65 -16.40
CA TYR A 180 -6.02 0.27 -15.43
C TYR A 180 -5.67 1.65 -16.02
N ARG A 181 -5.24 1.67 -17.28
CA ARG A 181 -5.08 2.91 -18.05
C ARG A 181 -6.37 3.76 -18.13
N ASN A 182 -7.49 3.12 -18.46
CA ASN A 182 -8.81 3.79 -18.49
C ASN A 182 -9.21 4.28 -17.08
N ILE A 183 -9.15 3.38 -16.11
CA ILE A 183 -9.39 3.74 -14.71
C ILE A 183 -8.69 5.04 -14.30
N ILE A 184 -7.37 5.10 -14.48
CA ILE A 184 -6.64 6.28 -14.04
C ILE A 184 -6.88 7.49 -14.97
N THR A 185 -6.68 7.32 -16.28
CA THR A 185 -6.83 8.43 -17.24
C THR A 185 -8.21 9.09 -17.14
N HIS A 186 -9.24 8.28 -16.93
CA HIS A 186 -10.61 8.82 -16.92
C HIS A 186 -11.26 8.89 -15.53
N ALA A 187 -10.45 8.74 -14.49
CA ALA A 187 -10.94 8.85 -13.10
C ALA A 187 -11.62 10.21 -12.92
N PRO A 188 -12.81 10.23 -12.27
CA PRO A 188 -13.49 11.50 -11.98
C PRO A 188 -12.77 12.30 -10.86
N ASN A 189 -11.99 11.59 -10.05
CA ASN A 189 -11.24 12.19 -8.95
C ASN A 189 -9.74 12.35 -9.27
N LEU A 190 -9.40 12.53 -10.54
CA LEU A 190 -7.98 12.58 -10.95
C LEU A 190 -7.23 13.71 -10.24
N ASP A 191 -7.92 14.82 -9.99
CA ASP A 191 -7.33 15.96 -9.28
C ASP A 191 -6.95 15.54 -7.83
N ASN A 192 -7.80 14.70 -7.21
CA ASN A 192 -7.50 14.14 -5.89
C ASN A 192 -6.32 13.18 -5.95
N ILE A 193 -6.31 12.32 -6.97
CA ILE A 193 -5.25 11.35 -7.20
C ILE A 193 -3.89 12.05 -7.36
N GLU A 194 -3.89 13.20 -8.02
CA GLU A 194 -2.67 13.93 -8.27
C GLU A 194 -2.08 14.47 -6.97
N LEU A 195 -2.93 14.89 -6.04
CA LEU A 195 -2.49 15.36 -4.74
C LEU A 195 -1.80 14.24 -3.93
N TYR A 196 -2.33 13.02 -4.03
CA TYR A 196 -1.79 11.83 -3.35
C TYR A 196 -0.44 11.48 -3.99
N TRP A 197 -0.37 11.60 -5.31
CA TRP A 197 0.86 11.40 -6.11
C TRP A 197 1.94 12.36 -5.64
N ASN A 198 1.58 13.62 -5.45
CA ASN A 198 2.52 14.59 -4.97
C ASN A 198 3.03 14.35 -3.57
N SER A 199 2.13 14.10 -2.62
CA SER A 199 2.48 13.32 -1.41
C SER A 199 3.51 12.22 -1.47
N TYR A 200 3.26 11.23 -2.29
CA TYR A 200 4.20 10.18 -2.46
C TYR A 200 5.55 10.75 -2.88
N ASN A 201 5.57 11.59 -3.92
CA ASN A 201 6.85 12.10 -4.44
C ASN A 201 7.64 12.91 -3.43
N ASN A 202 6.93 13.56 -2.52
CA ASN A 202 7.56 14.41 -1.53
C ASN A 202 7.86 13.74 -0.18
N ARG A 203 7.62 12.42 -0.07
CA ARG A 203 7.81 11.69 1.18
C ARG A 203 9.26 11.79 1.68
N ARG A 204 9.44 11.63 2.99
CA ARG A 204 10.77 11.69 3.57
C ARG A 204 11.33 10.28 3.74
N ASP A 205 12.63 10.20 3.96
CA ASP A 205 13.28 8.94 4.26
C ASP A 205 12.56 8.23 5.42
N LEU A 206 12.33 6.94 5.23
CA LEU A 206 11.86 6.03 6.27
C LEU A 206 13.16 5.38 6.63
N ASN A 207 13.67 5.63 7.82
CA ASN A 207 15.12 5.53 7.92
C ASN A 207 15.68 4.28 8.57
N PHE A 208 15.18 3.11 8.14
CA PHE A 208 15.65 1.80 8.60
C PHE A 208 17.18 1.71 8.59
N GLU A 209 17.71 1.22 9.71
CA GLU A 209 19.12 0.87 9.87
C GLU A 209 19.15 -0.53 10.50
N ARG A 210 19.81 -1.49 9.85
CA ARG A 210 19.92 -2.84 10.43
C ARG A 210 20.71 -2.82 11.76
N GLY A 211 19.97 -2.94 12.87
CA GLY A 211 20.56 -2.86 14.22
C GLY A 211 19.96 -1.76 15.10
N GLY A 212 18.66 -1.46 14.90
CA GLY A 212 17.93 -0.40 15.64
C GLY A 212 18.65 0.92 15.47
N ASP A 213 18.12 2.05 15.95
CA ASP A 213 16.86 2.21 16.66
C ASP A 213 15.66 2.26 15.72
N ILE A 214 15.85 2.92 14.57
CA ILE A 214 14.81 3.00 13.52
C ILE A 214 14.78 1.69 12.76
N THR A 215 14.00 0.76 13.31
CA THR A 215 13.81 -0.54 12.67
C THR A 215 12.40 -1.05 12.95
N LEU A 216 11.88 -1.88 12.05
CA LEU A 216 10.60 -2.51 12.26
C LEU A 216 10.80 -3.69 13.23
N ARG A 217 9.88 -3.80 14.18
CA ARG A 217 9.97 -4.75 15.27
C ARG A 217 9.05 -5.96 15.08
N CYS A 218 8.52 -6.15 13.88
CA CYS A 218 7.49 -7.14 13.70
C CYS A 218 7.88 -7.95 12.47
N PRO A 219 7.29 -9.13 12.28
CA PRO A 219 7.43 -9.86 11.03
C PRO A 219 7.04 -8.99 9.83
N VAL A 220 7.85 -9.06 8.78
CA VAL A 220 7.56 -8.28 7.60
C VAL A 220 7.68 -9.18 6.40
N MET A 221 6.70 -9.13 5.52
CA MET A 221 6.86 -9.75 4.21
C MET A 221 7.00 -8.69 3.13
N LEU A 222 8.17 -8.63 2.52
CA LEU A 222 8.44 -7.68 1.44
C LEU A 222 8.08 -8.34 0.15
N VAL A 223 7.44 -7.61 -0.75
CA VAL A 223 6.95 -8.17 -2.02
C VAL A 223 7.30 -7.23 -3.17
N VAL A 224 7.84 -7.77 -4.25
CA VAL A 224 8.07 -6.98 -5.43
C VAL A 224 8.13 -7.89 -6.66
N GLY A 225 7.78 -7.33 -7.83
CA GLY A 225 7.95 -8.04 -9.09
C GLY A 225 9.39 -8.02 -9.61
N ASP A 226 9.81 -9.16 -10.15
CA ASP A 226 11.11 -9.27 -10.82
C ASP A 226 11.14 -8.27 -11.98
N GLN A 227 12.19 -7.45 -12.02
CA GLN A 227 12.37 -6.40 -13.01
C GLN A 227 11.32 -5.29 -13.02
N ALA A 228 10.52 -5.19 -11.96
CA ALA A 228 9.48 -4.17 -11.85
C ALA A 228 10.11 -2.83 -11.39
N PRO A 229 9.40 -1.70 -11.56
CA PRO A 229 9.95 -0.37 -11.18
C PRO A 229 10.56 -0.30 -9.77
N HIS A 230 9.93 -0.95 -8.78
CA HIS A 230 10.37 -0.80 -7.40
C HIS A 230 11.32 -1.87 -6.91
N GLU A 231 11.80 -2.68 -7.83
CA GLU A 231 12.64 -3.83 -7.45
C GLU A 231 13.86 -3.44 -6.60
N ASP A 232 14.68 -2.50 -7.08
CA ASP A 232 15.91 -2.10 -6.38
C ASP A 232 15.60 -1.55 -4.97
N ALA A 233 14.54 -0.75 -4.83
CA ALA A 233 14.15 -0.19 -3.53
C ALA A 233 13.73 -1.31 -2.56
N VAL A 234 12.93 -2.27 -3.03
CA VAL A 234 12.55 -3.38 -2.14
C VAL A 234 13.76 -4.28 -1.72
N VAL A 235 14.66 -4.54 -2.67
CA VAL A 235 15.88 -5.28 -2.43
C VAL A 235 16.75 -4.61 -1.36
N GLU A 236 16.88 -3.30 -1.47
CA GLU A 236 17.64 -2.48 -0.56
C GLU A 236 16.99 -2.49 0.82
N CYS A 237 15.67 -2.36 0.81
CA CYS A 237 14.84 -2.46 2.00
C CYS A 237 15.08 -3.81 2.73
N ASN A 238 15.07 -4.89 1.97
CA ASN A 238 15.42 -6.18 2.53
C ASN A 238 16.78 -6.23 3.25
N SER A 239 17.79 -5.49 2.78
CA SER A 239 19.09 -5.50 3.45
C SER A 239 19.13 -4.67 4.74
N LYS A 240 18.16 -3.80 4.96
CA LYS A 240 18.11 -2.93 6.16
C LYS A 240 17.32 -3.59 7.29
N LEU A 241 16.42 -4.49 6.94
CA LEU A 241 15.52 -5.09 7.95
C LEU A 241 16.16 -6.29 8.63
N ASP A 242 15.64 -6.66 9.79
CA ASP A 242 16.09 -7.83 10.56
C ASP A 242 15.75 -9.11 9.81
N PRO A 243 16.76 -9.84 9.30
CA PRO A 243 16.61 -11.12 8.58
C PRO A 243 15.84 -12.22 9.30
N THR A 244 15.90 -12.24 10.63
CA THR A 244 15.20 -13.28 11.41
C THR A 244 13.68 -13.09 11.37
N GLN A 245 13.24 -11.88 10.99
CA GLN A 245 11.84 -11.46 11.06
C GLN A 245 11.25 -11.06 9.69
N THR A 246 12.05 -11.18 8.63
CA THR A 246 11.74 -10.55 7.36
C THR A 246 11.76 -11.59 6.26
N SER A 247 10.70 -11.66 5.47
CA SER A 247 10.82 -12.51 4.29
C SER A 247 10.60 -11.71 3.01
N PHE A 248 11.27 -12.14 1.94
CA PHE A 248 11.31 -11.38 0.71
C PHE A 248 10.73 -12.25 -0.40
N LEU A 249 9.57 -11.83 -0.92
CA LEU A 249 8.89 -12.56 -1.97
C LEU A 249 9.08 -11.78 -3.28
N LYS A 250 10.13 -12.12 -4.01
CA LYS A 250 10.41 -11.48 -5.27
C LYS A 250 9.87 -12.39 -6.37
N MET A 251 8.75 -11.99 -6.96
CA MET A 251 8.01 -12.86 -7.84
C MET A 251 8.37 -12.67 -9.33
N ALA A 252 8.67 -13.77 -10.02
CA ALA A 252 8.84 -13.77 -11.47
C ALA A 252 7.45 -13.61 -12.12
N ASP A 253 7.37 -12.95 -13.27
CA ASP A 253 6.10 -12.85 -14.04
C ASP A 253 4.93 -12.19 -13.30
N SER A 254 5.23 -11.27 -12.38
CA SER A 254 4.14 -10.58 -11.69
C SER A 254 4.05 -9.11 -12.08
N GLY A 255 5.17 -8.53 -12.53
CA GLY A 255 5.19 -7.17 -13.01
C GLY A 255 5.05 -6.17 -11.88
N GLY A 256 4.54 -4.99 -12.22
CA GLY A 256 4.45 -3.87 -11.30
C GLY A 256 3.45 -4.00 -10.15
N GLN A 257 2.35 -4.73 -10.35
CA GLN A 257 1.31 -4.92 -9.32
C GLN A 257 1.06 -6.42 -9.07
N PRO A 258 1.92 -7.07 -8.27
CA PRO A 258 1.89 -8.51 -8.02
C PRO A 258 0.56 -8.97 -7.41
N GLN A 259 -0.07 -8.11 -6.59
CA GLN A 259 -1.37 -8.43 -5.97
C GLN A 259 -2.49 -8.49 -7.01
N LEU A 260 -2.25 -7.92 -8.20
CA LEU A 260 -3.22 -7.99 -9.29
C LEU A 260 -2.94 -9.15 -10.21
N THR A 261 -1.67 -9.50 -10.43
CA THR A 261 -1.37 -10.51 -11.46
C THR A 261 -1.14 -11.90 -10.87
N GLN A 262 -0.69 -11.96 -9.62
CA GLN A 262 -0.42 -13.26 -9.03
C GLN A 262 -1.07 -13.36 -7.66
N PRO A 263 -2.40 -13.15 -7.57
CA PRO A 263 -3.03 -13.18 -6.24
C PRO A 263 -2.97 -14.57 -5.57
N GLY A 264 -2.90 -15.63 -6.37
CA GLY A 264 -2.85 -17.00 -5.85
C GLY A 264 -1.56 -17.29 -5.11
N LYS A 265 -0.41 -16.99 -5.74
CA LYS A 265 0.89 -17.18 -5.06
C LYS A 265 1.05 -16.21 -3.88
N LEU A 266 0.60 -14.99 -4.09
N LEU A 266 0.57 -14.97 -4.02
CA LEU A 266 0.61 -14.03 -2.85
CA LEU A 266 0.64 -13.99 -2.93
C LEU A 266 -0.22 -14.50 -1.48
C LEU A 266 -0.14 -14.53 -1.71
N THR A 267 -1.37 -15.01 -1.93
CA THR A 267 -2.22 -15.67 -0.94
C THR A 267 -1.49 -16.81 -0.21
N GLU A 268 -0.84 -17.66 -0.99
CA GLU A 268 -0.11 -18.77 -0.41
C GLU A 268 1.05 -18.27 0.44
N ALA A 269 1.76 -17.23 -0.02
CA ALA A 269 2.81 -16.58 0.77
C ALA A 269 2.24 -16.02 2.09
N PHE A 270 1.07 -15.38 2.01
CA PHE A 270 0.39 -14.81 3.18
C PHE A 270 0.06 -15.89 4.22
N LYS A 271 -0.36 -17.04 3.72
CA LYS A 271 -0.65 -18.16 4.59
C LYS A 271 0.58 -18.59 5.43
N TYR A 272 1.72 -18.75 4.77
CA TYR A 272 2.97 -19.13 5.42
C TYR A 272 3.51 -18.03 6.30
N PHE A 273 3.27 -16.78 5.89
CA PHE A 273 3.63 -15.63 6.66
C PHE A 273 2.84 -15.66 8.00
N LEU A 274 1.54 -15.91 7.96
CA LEU A 274 0.71 -16.03 9.18
C LEU A 274 1.14 -17.21 10.03
N GLN A 275 1.37 -18.34 9.39
CA GLN A 275 1.87 -19.46 10.13
C GLN A 275 3.17 -19.16 10.85
N GLY A 276 4.14 -18.53 10.17
CA GLY A 276 5.44 -18.20 10.84
C GLY A 276 5.25 -17.18 11.96
N MET A 277 4.26 -16.31 11.85
CA MET A 277 3.88 -15.42 12.97
C MET A 277 3.30 -16.20 14.17
N GLY A 278 2.73 -17.39 13.92
CA GLY A 278 2.19 -18.24 15.00
C GLY A 278 0.69 -18.37 14.98
N TYR A 279 0.05 -17.90 13.89
CA TYR A 279 -1.39 -18.07 13.67
C TYR A 279 -1.66 -19.20 12.68
N MET A 280 -2.56 -20.12 13.04
CA MET A 280 -3.04 -21.14 12.09
C MET A 280 -3.66 -20.45 10.88
N ALA A 281 -3.33 -20.94 9.69
CA ALA A 281 -3.92 -20.38 8.45
C ALA A 281 -3.97 -21.48 7.43
CL CL B . -12.11 -8.41 2.44
N1 IMD C . -12.06 -6.51 -0.14
C2 IMD C . -11.24 -5.63 -0.76
N3 IMD C . -11.57 -5.55 -2.06
C4 IMD C . -12.61 -6.39 -2.27
C5 IMD C . -12.91 -7.00 -1.06
N1 IMD D . -13.84 3.15 -2.56
C2 IMD D . -14.06 3.86 -3.70
N3 IMD D . -14.50 3.03 -4.66
C4 IMD D . -14.56 1.77 -4.15
C5 IMD D . -14.14 1.85 -2.82
#